data_4OCU
#
_entry.id   4OCU
#
_cell.length_a   73.526
_cell.length_b   73.526
_cell.length_c   166.266
_cell.angle_alpha   90.00
_cell.angle_beta   90.00
_cell.angle_gamma   90.00
#
_symmetry.space_group_name_H-M   'P 41 21 2'
#
loop_
_entity.id
_entity.type
_entity.pdbx_description
1 polymer 'N-acetylhexosamine 1-phosphate kinase'
2 non-polymer 2-acetamido-2-deoxy-alpha-D-glucopyranose
3 non-polymer 'SULFATE ION'
4 water water
#
_entity_poly.entity_id   1
_entity_poly.type   'polypeptide(L)'
_entity_poly.pdbx_seq_one_letter_code
;MGSSHHHHHHSSGLVPRGSHMNNTNEALFDVASHFALEGTVDSIEPYGDGHINTTYLVTTDGPRYILQRMNTGIFPDTVN
LMRNVELVTSTLKAQGKETLDIVRTTSGDTWAEIDGGAWRVYKFIEHTMSYNLVPNPDVFREAGRAFGDFQNFLSGFDAN
QLTETIAHFHDTPHRFEDFKKALAADELGRAAGCGPEIEFYLSHADQYAVVMDGLRDGSIPLRVTHNDTKLNNILMDATT
GKARAIIDLDTIMPGSMLFDFGDSIRFGASTALEDERDLDKVHFSTELFRAYTEGFVGELRDSITAREAELLPFSGNLLT
MECGMRFLADYLEGDVYFATKYPEHNLVRSRTQIKLVREMEQRADETRAIVADVMETTK
;
_entity_poly.pdbx_strand_id   A
#
loop_
_chem_comp.id
_chem_comp.type
_chem_comp.name
_chem_comp.formula
NDG D-saccharide, alpha linking 2-acetamido-2-deoxy-alpha-D-glucopyranose 'C8 H15 N O6'
SO4 non-polymer 'SULFATE ION' 'O4 S -2'
#
# COMPACT_ATOMS: atom_id res chain seq x y z
N ASN A 23 -19.12 -8.18 -12.82
CA ASN A 23 -20.40 -8.66 -12.21
C ASN A 23 -21.55 -7.70 -12.48
N THR A 24 -22.66 -8.20 -13.05
CA THR A 24 -23.85 -7.38 -13.30
C THR A 24 -24.53 -7.00 -11.98
N ASN A 25 -25.48 -6.07 -12.06
CA ASN A 25 -26.20 -5.59 -10.88
C ASN A 25 -26.89 -6.75 -10.14
N GLU A 26 -27.63 -7.58 -10.90
CA GLU A 26 -28.37 -8.71 -10.32
C GLU A 26 -27.42 -9.64 -9.58
N ALA A 27 -26.27 -9.90 -10.19
CA ALA A 27 -25.28 -10.78 -9.61
C ALA A 27 -24.77 -10.23 -8.28
N LEU A 28 -24.55 -8.91 -8.21
CA LEU A 28 -24.04 -8.29 -6.99
C LEU A 28 -25.06 -8.34 -5.86
N PHE A 29 -26.34 -8.13 -6.20
CA PHE A 29 -27.38 -8.26 -5.18
C PHE A 29 -27.46 -9.68 -4.62
N ASP A 30 -27.30 -10.66 -5.51
CA ASP A 30 -27.24 -12.05 -5.12
C ASP A 30 -26.04 -12.28 -4.17
N VAL A 31 -24.86 -11.83 -4.58
CA VAL A 31 -23.69 -11.90 -3.66
C VAL A 31 -24.02 -11.31 -2.27
N ALA A 32 -24.52 -10.07 -2.23
CA ALA A 32 -24.78 -9.42 -0.95
C ALA A 32 -25.77 -10.21 -0.08
N SER A 33 -26.68 -10.93 -0.73
CA SER A 33 -27.68 -11.77 -0.01
C SER A 33 -27.04 -12.86 0.84
N HIS A 34 -25.79 -13.19 0.55
CA HIS A 34 -25.06 -14.20 1.33
C HIS A 34 -24.55 -13.69 2.67
N PHE A 35 -24.62 -12.37 2.89
CA PHE A 35 -24.01 -11.80 4.09
C PHE A 35 -25.06 -11.31 5.07
N ALA A 36 -24.71 -11.32 6.35
CA ALA A 36 -25.64 -10.90 7.40
C ALA A 36 -25.75 -9.39 7.50
N LEU A 37 -26.28 -8.75 6.45
CA LEU A 37 -26.39 -7.30 6.45
C LEU A 37 -27.58 -6.92 7.31
N GLU A 38 -27.56 -5.74 7.90
CA GLU A 38 -28.65 -5.32 8.79
C GLU A 38 -29.54 -4.24 8.17
N GLY A 39 -30.04 -4.51 6.98
CA GLY A 39 -31.01 -3.63 6.32
C GLY A 39 -31.24 -4.09 4.90
N THR A 40 -32.22 -3.51 4.22
CA THR A 40 -32.52 -3.87 2.84
C THR A 40 -31.61 -3.10 1.89
N VAL A 41 -30.91 -3.85 1.03
CA VAL A 41 -30.00 -3.24 0.06
C VAL A 41 -30.76 -2.38 -0.96
N ASP A 42 -30.34 -1.13 -1.12
CA ASP A 42 -30.90 -0.26 -2.14
C ASP A 42 -29.97 -0.15 -3.35
N SER A 43 -28.66 -0.14 -3.13
CA SER A 43 -27.72 -0.07 -4.26
C SER A 43 -26.37 -0.67 -3.93
N ILE A 44 -25.65 -1.07 -4.97
CA ILE A 44 -24.31 -1.63 -4.88
C ILE A 44 -23.54 -1.04 -6.05
N GLU A 45 -22.60 -0.15 -5.76
CA GLU A 45 -21.92 0.61 -6.79
C GLU A 45 -20.43 0.54 -6.57
N PRO A 46 -19.66 0.51 -7.67
CA PRO A 46 -18.21 0.53 -7.55
C PRO A 46 -17.76 1.67 -6.65
N TYR A 47 -16.75 1.40 -5.83
CA TYR A 47 -16.23 2.37 -4.88
C TYR A 47 -14.71 2.43 -5.00
N GLY A 48 -14.16 3.63 -5.15
CA GLY A 48 -12.71 3.83 -5.18
C GLY A 48 -12.12 3.46 -6.53
N ASP A 49 -10.81 3.52 -6.64
CA ASP A 49 -10.13 3.05 -7.87
C ASP A 49 -8.92 2.17 -7.54
N GLY A 50 -9.10 1.27 -6.58
CA GLY A 50 -8.06 0.30 -6.16
C GLY A 50 -7.56 -0.49 -7.35
N HIS A 51 -6.27 -0.85 -7.32
CA HIS A 51 -5.64 -1.58 -8.42
C HIS A 51 -5.85 -3.08 -8.35
N ILE A 52 -6.22 -3.59 -7.18
CA ILE A 52 -6.06 -5.02 -6.88
C ILE A 52 -7.41 -5.74 -6.75
N ASN A 53 -8.13 -5.46 -5.67
CA ASN A 53 -9.46 -6.06 -5.48
C ASN A 53 -10.54 -5.26 -6.22
N THR A 54 -11.76 -5.80 -6.31
CA THR A 54 -12.90 -5.07 -6.85
C THR A 54 -13.81 -4.68 -5.70
N THR A 55 -13.96 -3.39 -5.46
CA THR A 55 -14.64 -2.87 -4.26
C THR A 55 -15.98 -2.18 -4.60
N TYR A 56 -17.00 -2.45 -3.80
CA TYR A 56 -18.31 -1.84 -3.96
C TYR A 56 -18.82 -1.25 -2.65
N LEU A 57 -19.50 -0.11 -2.76
CA LEU A 57 -20.25 0.46 -1.65
C LEU A 57 -21.68 -0.10 -1.72
N VAL A 58 -22.09 -0.71 -0.61
CA VAL A 58 -23.44 -1.25 -0.47
C VAL A 58 -24.22 -0.29 0.39
N THR A 59 -25.28 0.28 -0.19
CA THR A 59 -26.14 1.21 0.54
C THR A 59 -27.45 0.53 0.90
N THR A 60 -27.77 0.50 2.19
CA THR A 60 -29.04 -0.07 2.63
C THR A 60 -29.96 1.07 3.12
N ASP A 61 -31.11 0.69 3.68
CA ASP A 61 -32.02 1.68 4.27
C ASP A 61 -31.58 2.04 5.70
N GLY A 62 -30.47 1.46 6.13
CA GLY A 62 -29.86 1.77 7.42
C GLY A 62 -28.36 1.90 7.22
N PRO A 63 -27.58 0.89 7.61
CA PRO A 63 -26.10 0.97 7.54
C PRO A 63 -25.55 0.81 6.13
N ARG A 64 -24.29 1.19 5.93
CA ARG A 64 -23.61 0.97 4.66
C ARG A 64 -22.45 0.00 4.85
N TYR A 65 -22.07 -0.66 3.75
CA TYR A 65 -21.06 -1.72 3.82
C TYR A 65 -20.12 -1.61 2.64
N ILE A 66 -18.93 -2.14 2.80
CA ILE A 66 -18.00 -2.33 1.70
C ILE A 66 -18.04 -3.81 1.36
N LEU A 67 -18.35 -4.10 0.09
CA LEU A 67 -18.36 -5.46 -0.43
C LEU A 67 -17.19 -5.57 -1.36
N GLN A 68 -16.33 -6.59 -1.13
CA GLN A 68 -15.13 -6.76 -1.96
C GLN A 68 -14.98 -8.13 -2.55
N ARG A 69 -14.69 -8.21 -3.85
CA ARG A 69 -14.27 -9.44 -4.46
C ARG A 69 -12.75 -9.45 -4.39
N MET A 70 -12.19 -10.41 -3.67
CA MET A 70 -10.74 -10.52 -3.51
C MET A 70 -10.15 -11.01 -4.82
N ASN A 71 -9.03 -10.41 -5.21
CA ASN A 71 -8.33 -10.83 -6.41
C ASN A 71 -7.55 -12.13 -6.10
N THR A 72 -8.08 -13.27 -6.54
CA THR A 72 -7.48 -14.56 -6.22
C THR A 72 -6.34 -14.93 -7.16
N GLY A 73 -6.19 -14.19 -8.27
CA GLY A 73 -4.98 -14.30 -9.10
C GLY A 73 -3.77 -13.80 -8.31
N ILE A 74 -3.97 -12.73 -7.54
CA ILE A 74 -2.92 -12.14 -6.73
C ILE A 74 -2.84 -12.74 -5.31
N PHE A 75 -4.00 -13.02 -4.74
CA PHE A 75 -4.13 -13.61 -3.40
C PHE A 75 -4.76 -15.01 -3.50
N PRO A 76 -4.02 -16.02 -4.03
CA PRO A 76 -4.64 -17.34 -4.22
C PRO A 76 -5.00 -18.05 -2.91
N ASP A 77 -4.27 -17.75 -1.83
CA ASP A 77 -4.49 -18.38 -0.53
C ASP A 77 -5.47 -17.56 0.33
N THR A 78 -6.75 -17.65 -0.01
CA THR A 78 -7.75 -16.81 0.65
C THR A 78 -7.89 -17.18 2.12
N VAL A 79 -7.80 -18.47 2.41
CA VAL A 79 -7.94 -18.95 3.78
C VAL A 79 -6.87 -18.30 4.68
N ASN A 80 -5.62 -18.27 4.23
CA ASN A 80 -4.54 -17.66 5.05
C ASN A 80 -4.64 -16.14 5.08
N LEU A 81 -5.09 -15.55 3.97
CA LEU A 81 -5.31 -14.09 3.90
C LEU A 81 -6.34 -13.67 4.95
N MET A 82 -7.49 -14.33 4.92
CA MET A 82 -8.56 -14.01 5.86
C MET A 82 -8.22 -14.39 7.30
N ARG A 83 -7.44 -15.45 7.51
CA ARG A 83 -6.95 -15.74 8.86
C ARG A 83 -6.12 -14.55 9.41
N ASN A 84 -5.22 -14.02 8.59
CA ASN A 84 -4.43 -12.82 8.97
C ASN A 84 -5.35 -11.64 9.31
N VAL A 85 -6.31 -11.38 8.42
CA VAL A 85 -7.18 -10.23 8.60
C VAL A 85 -7.98 -10.39 9.90
N GLU A 86 -8.46 -11.61 10.15
CA GLU A 86 -9.23 -11.89 11.36
C GLU A 86 -8.37 -11.69 12.61
N LEU A 87 -7.13 -12.16 12.53
CA LEU A 87 -6.21 -12.06 13.68
C LEU A 87 -5.87 -10.58 13.96
N VAL A 88 -5.53 -9.84 12.91
CA VAL A 88 -5.18 -8.41 13.08
C VAL A 88 -6.39 -7.61 13.62
N THR A 89 -7.57 -7.75 12.99
CA THR A 89 -8.70 -6.94 13.44
C THR A 89 -9.16 -7.36 14.86
N SER A 90 -9.14 -8.65 15.17
CA SER A 90 -9.59 -9.06 16.51
C SER A 90 -8.63 -8.54 17.60
N THR A 91 -7.34 -8.49 17.30
CA THR A 91 -6.38 -7.96 18.25
C THR A 91 -6.60 -6.45 18.44
N LEU A 92 -6.79 -5.74 17.34
CA LEU A 92 -7.09 -4.30 17.44
C LEU A 92 -8.34 -4.04 18.28
N LYS A 93 -9.37 -4.84 18.06
CA LYS A 93 -10.62 -4.69 18.81
C LYS A 93 -10.39 -4.93 20.31
N ALA A 94 -9.57 -5.92 20.62
CA ALA A 94 -9.27 -6.29 22.02
C ALA A 94 -8.52 -5.15 22.73
N GLN A 95 -7.87 -4.30 21.93
CA GLN A 95 -7.18 -3.10 22.44
C GLN A 95 -8.06 -1.87 22.44
N GLY A 96 -9.33 -2.03 22.01
CA GLY A 96 -10.28 -0.94 21.97
C GLY A 96 -10.14 -0.01 20.79
N LYS A 97 -9.39 -0.44 19.77
CA LYS A 97 -9.11 0.42 18.63
C LYS A 97 -10.11 0.16 17.50
N GLU A 98 -10.37 1.18 16.70
CA GLU A 98 -11.27 1.07 15.54
C GLU A 98 -10.51 0.41 14.41
N THR A 99 -11.19 -0.49 13.69
CA THR A 99 -10.52 -1.21 12.63
C THR A 99 -11.60 -1.66 11.64
N LEU A 100 -11.20 -2.47 10.68
CA LEU A 100 -12.14 -3.06 9.74
C LEU A 100 -12.97 -4.11 10.50
N ASP A 101 -14.29 -4.00 10.40
CA ASP A 101 -15.20 -4.93 11.05
C ASP A 101 -15.77 -5.87 10.00
N ILE A 102 -15.34 -7.12 10.02
CA ILE A 102 -15.86 -8.15 9.11
C ILE A 102 -17.34 -8.41 9.39
N VAL A 103 -18.13 -8.45 8.34
CA VAL A 103 -19.52 -8.87 8.47
C VAL A 103 -19.57 -10.31 7.97
N ARG A 104 -20.02 -11.21 8.85
CA ARG A 104 -20.03 -12.62 8.52
C ARG A 104 -21.08 -12.98 7.48
N THR A 105 -20.91 -14.16 6.86
CA THR A 105 -21.93 -14.70 5.94
C THR A 105 -23.12 -15.13 6.79
N THR A 106 -24.26 -15.40 6.15
CA THR A 106 -25.41 -15.92 6.90
C THR A 106 -25.11 -17.29 7.51
N SER A 107 -24.11 -17.99 6.95
CA SER A 107 -23.64 -19.25 7.51
C SER A 107 -22.63 -19.06 8.65
N GLY A 108 -22.25 -17.82 8.94
CA GLY A 108 -21.35 -17.53 10.06
C GLY A 108 -19.85 -17.44 9.75
N ASP A 109 -19.49 -17.53 8.47
CA ASP A 109 -18.07 -17.47 8.07
C ASP A 109 -17.56 -16.05 7.80
N THR A 110 -16.23 -15.87 7.89
CA THR A 110 -15.61 -14.58 7.64
C THR A 110 -15.60 -14.14 6.16
N TRP A 111 -15.88 -15.07 5.27
CA TRP A 111 -15.96 -14.78 3.84
C TRP A 111 -16.65 -15.91 3.13
N ALA A 112 -16.92 -15.75 1.83
CA ALA A 112 -17.61 -16.81 1.06
C ALA A 112 -17.09 -16.89 -0.38
N GLU A 113 -17.02 -18.12 -0.90
CA GLU A 113 -16.83 -18.34 -2.32
C GLU A 113 -18.23 -18.36 -2.95
N ILE A 114 -18.47 -17.45 -3.90
CA ILE A 114 -19.79 -17.32 -4.51
C ILE A 114 -19.59 -17.15 -6.01
N ASP A 115 -20.14 -18.09 -6.77
CA ASP A 115 -20.06 -18.11 -8.25
C ASP A 115 -18.67 -17.79 -8.76
N GLY A 116 -17.68 -18.55 -8.31
CA GLY A 116 -16.31 -18.40 -8.79
C GLY A 116 -15.53 -17.18 -8.28
N GLY A 117 -16.13 -16.39 -7.39
CA GLY A 117 -15.39 -15.30 -6.73
C GLY A 117 -15.28 -15.48 -5.22
N ALA A 118 -14.24 -14.89 -4.63
CA ALA A 118 -14.04 -14.86 -3.18
C ALA A 118 -14.46 -13.47 -2.67
N TRP A 119 -15.46 -13.44 -1.79
CA TRP A 119 -16.05 -12.18 -1.34
C TRP A 119 -15.94 -12.01 0.14
N ARG A 120 -15.77 -10.76 0.57
CA ARG A 120 -15.89 -10.41 2.00
C ARG A 120 -16.62 -9.11 2.13
N VAL A 121 -17.14 -8.84 3.33
CA VAL A 121 -17.83 -7.59 3.63
C VAL A 121 -17.24 -6.98 4.90
N TYR A 122 -16.96 -5.69 4.85
CA TYR A 122 -16.65 -4.89 6.03
C TYR A 122 -17.75 -3.86 6.22
N LYS A 123 -17.96 -3.45 7.47
CA LYS A 123 -18.78 -2.27 7.75
C LYS A 123 -18.15 -1.03 7.10
N PHE A 124 -18.98 -0.12 6.58
CA PHE A 124 -18.43 1.12 5.99
C PHE A 124 -18.06 2.05 7.13
N ILE A 125 -16.83 2.57 7.10
CA ILE A 125 -16.40 3.40 8.22
C ILE A 125 -16.87 4.82 7.99
N GLU A 126 -17.81 5.29 8.83
CA GLU A 126 -18.54 6.56 8.56
C GLU A 126 -17.79 7.80 9.06
N HIS A 127 -18.12 8.95 8.47
CA HIS A 127 -17.55 10.24 8.88
C HIS A 127 -16.03 10.31 8.72
N THR A 128 -15.54 9.83 7.58
CA THR A 128 -14.11 9.90 7.29
C THR A 128 -13.81 10.63 5.99
N MET A 129 -12.54 10.97 5.84
CA MET A 129 -12.00 11.53 4.64
C MET A 129 -10.84 10.63 4.28
N SER A 130 -10.66 10.37 3.00
CA SER A 130 -9.42 9.70 2.58
C SER A 130 -8.85 10.41 1.36
N TYR A 131 -7.53 10.31 1.18
CA TYR A 131 -6.86 11.17 0.21
C TYR A 131 -6.02 10.36 -0.71
N ASN A 132 -6.12 10.64 -2.02
CA ASN A 132 -5.26 10.01 -3.03
C ASN A 132 -4.00 10.81 -3.32
N LEU A 133 -3.91 11.97 -2.69
CA LEU A 133 -2.79 12.90 -2.84
C LEU A 133 -2.78 13.78 -1.61
N VAL A 134 -1.59 14.15 -1.12
CA VAL A 134 -1.55 15.00 0.08
C VAL A 134 -2.10 16.40 -0.20
N PRO A 135 -3.13 16.86 0.55
CA PRO A 135 -3.65 18.19 0.30
C PRO A 135 -2.89 19.28 1.05
N ASN A 136 -2.29 18.92 2.20
CA ASN A 136 -1.58 19.88 3.05
C ASN A 136 -0.63 19.12 3.97
N PRO A 137 0.44 19.78 4.46
CA PRO A 137 1.42 19.04 5.25
C PRO A 137 0.84 18.40 6.50
N ASP A 138 -0.21 18.99 7.09
CA ASP A 138 -0.74 18.43 8.33
C ASP A 138 -1.33 17.05 8.14
N VAL A 139 -2.02 16.84 7.02
CA VAL A 139 -2.59 15.55 6.71
C VAL A 139 -1.47 14.49 6.59
N PHE A 140 -0.36 14.84 5.95
CA PHE A 140 0.71 13.86 5.76
C PHE A 140 1.46 13.62 7.07
N ARG A 141 1.56 14.64 7.90
CA ARG A 141 2.13 14.48 9.23
C ARG A 141 1.30 13.50 10.07
N GLU A 142 -0.03 13.63 10.00
CA GLU A 142 -0.93 12.68 10.66
C GLU A 142 -0.83 11.27 10.09
N ALA A 143 -0.69 11.15 8.76
CA ALA A 143 -0.39 9.83 8.16
C ALA A 143 0.88 9.21 8.76
N GLY A 144 1.92 10.03 8.92
CA GLY A 144 3.17 9.59 9.57
C GLY A 144 2.90 9.08 10.98
N ARG A 145 2.16 9.85 11.76
CA ARG A 145 1.76 9.37 13.11
C ARG A 145 1.04 8.02 13.05
N ALA A 146 0.08 7.89 12.11
CA ALA A 146 -0.72 6.67 12.00
C ALA A 146 0.10 5.44 11.65
N PHE A 147 0.97 5.54 10.64
CA PHE A 147 1.75 4.38 10.26
C PHE A 147 2.90 4.08 11.22
N GLY A 148 3.41 5.11 11.85
CA GLY A 148 4.45 4.94 12.88
C GLY A 148 3.82 4.24 14.07
N ASP A 149 2.63 4.69 14.47
CA ASP A 149 1.89 4.03 15.56
C ASP A 149 1.61 2.58 15.18
N PHE A 150 1.25 2.33 13.90
CA PHE A 150 0.96 0.97 13.48
C PHE A 150 2.17 0.05 13.57
N GLN A 151 3.39 0.57 13.37
CA GLN A 151 4.60 -0.24 13.63
C GLN A 151 4.65 -0.73 15.08
N ASN A 152 4.36 0.16 16.03
CA ASN A 152 4.32 -0.24 17.44
C ASN A 152 3.26 -1.30 17.70
N PHE A 153 2.11 -1.15 17.04
CA PHE A 153 1.08 -2.20 17.11
C PHE A 153 1.55 -3.55 16.59
N LEU A 154 2.16 -3.54 15.40
CA LEU A 154 2.61 -4.78 14.79
C LEU A 154 3.79 -5.42 15.54
N SER A 155 4.49 -4.65 16.37
CA SER A 155 5.61 -5.22 17.11
C SER A 155 5.10 -6.19 18.18
N GLY A 156 3.80 -6.12 18.47
CA GLY A 156 3.17 -7.06 19.41
C GLY A 156 3.00 -8.46 18.84
N PHE A 157 3.28 -8.66 17.55
CA PHE A 157 3.15 -9.97 16.92
C PHE A 157 4.50 -10.60 16.65
N ASP A 158 4.58 -11.92 16.83
CA ASP A 158 5.74 -12.69 16.37
C ASP A 158 5.69 -12.79 14.85
N ALA A 159 6.88 -12.80 14.24
CA ALA A 159 7.03 -12.97 12.80
C ALA A 159 6.20 -14.13 12.28
N ASN A 160 6.13 -15.21 13.06
CA ASN A 160 5.43 -16.44 12.66
C ASN A 160 3.90 -16.44 12.80
N GLN A 161 3.30 -15.41 13.39
CA GLN A 161 1.85 -15.45 13.56
C GLN A 161 1.12 -15.00 12.29
N LEU A 162 1.79 -14.20 11.47
CA LEU A 162 1.19 -13.63 10.26
C LEU A 162 1.87 -14.21 9.01
N THR A 163 1.06 -14.88 8.19
CA THR A 163 1.55 -15.58 7.02
C THR A 163 1.88 -14.57 5.94
N GLU A 164 2.96 -14.80 5.20
CA GLU A 164 3.20 -14.00 4.00
C GLU A 164 2.11 -14.26 2.97
N THR A 165 1.34 -13.22 2.64
CA THR A 165 0.22 -13.42 1.73
C THR A 165 0.69 -13.38 0.29
N ILE A 166 1.81 -12.71 0.06
CA ILE A 166 2.49 -12.66 -1.24
C ILE A 166 3.99 -12.79 -0.96
N ALA A 167 4.62 -13.75 -1.65
CA ALA A 167 6.05 -14.01 -1.45
C ALA A 167 6.90 -12.93 -2.11
N HIS A 168 8.08 -12.65 -1.54
CA HIS A 168 9.04 -11.72 -2.16
C HIS A 168 8.43 -10.36 -2.39
N PHE A 169 7.52 -9.96 -1.51
CA PHE A 169 6.65 -8.81 -1.80
C PHE A 169 7.40 -7.47 -1.98
N HIS A 170 8.30 -7.17 -1.04
CA HIS A 170 9.24 -6.05 -1.19
C HIS A 170 10.68 -6.52 -1.25
N ASP A 171 10.85 -7.68 -1.89
CA ASP A 171 12.19 -8.22 -2.22
C ASP A 171 12.52 -7.62 -3.59
N THR A 172 13.11 -6.43 -3.56
CA THR A 172 13.34 -5.68 -4.79
C THR A 172 14.22 -6.42 -5.84
N PRO A 173 15.30 -7.11 -5.40
CA PRO A 173 16.05 -7.92 -6.39
C PRO A 173 15.18 -8.98 -7.05
N HIS A 174 14.27 -9.60 -6.29
CA HIS A 174 13.36 -10.60 -6.88
C HIS A 174 12.39 -9.93 -7.82
N ARG A 175 11.87 -8.75 -7.45
CA ARG A 175 11.02 -7.95 -8.37
C ARG A 175 11.76 -7.64 -9.68
N PHE A 176 13.05 -7.39 -9.55
CA PHE A 176 13.89 -7.06 -10.71
C PHE A 176 14.08 -8.27 -11.61
N GLU A 177 14.23 -9.47 -11.03
CA GLU A 177 14.27 -10.69 -11.83
C GLU A 177 12.95 -10.83 -12.63
N ASP A 178 11.82 -10.60 -11.95
CA ASP A 178 10.52 -10.56 -12.63
C ASP A 178 10.48 -9.55 -13.78
N PHE A 179 11.01 -8.36 -13.54
CA PHE A 179 11.06 -7.31 -14.58
C PHE A 179 11.85 -7.77 -15.81
N LYS A 180 13.02 -8.35 -15.57
CA LYS A 180 13.87 -8.83 -16.68
C LYS A 180 13.18 -9.93 -17.49
N LYS A 181 12.43 -10.79 -16.81
CA LYS A 181 11.66 -11.85 -17.46
C LYS A 181 10.56 -11.23 -18.35
N ALA A 182 9.82 -10.25 -17.81
CA ALA A 182 8.81 -9.50 -18.59
C ALA A 182 9.44 -8.80 -19.80
N LEU A 183 10.61 -8.22 -19.60
CA LEU A 183 11.34 -7.54 -20.67
C LEU A 183 11.78 -8.51 -21.78
N ALA A 184 12.31 -9.67 -21.36
CA ALA A 184 12.74 -10.71 -22.30
C ALA A 184 11.57 -11.26 -23.13
N ALA A 185 10.44 -11.51 -22.47
CA ALA A 185 9.25 -12.01 -23.17
C ALA A 185 8.72 -10.94 -24.14
N ASP A 186 8.65 -9.69 -23.68
CA ASP A 186 8.12 -8.58 -24.49
C ASP A 186 6.90 -9.04 -25.33
N GLU A 187 5.94 -9.66 -24.64
CA GLU A 187 4.80 -10.36 -25.25
C GLU A 187 3.93 -9.47 -26.14
N LEU A 188 3.90 -8.17 -25.87
CA LEU A 188 3.09 -7.24 -26.68
C LEU A 188 3.91 -6.34 -27.58
N GLY A 189 5.24 -6.52 -27.59
CA GLY A 189 6.11 -5.64 -28.36
C GLY A 189 6.12 -4.21 -27.87
N ARG A 190 5.81 -4.01 -26.59
CA ARG A 190 5.79 -2.68 -25.98
C ARG A 190 7.18 -2.15 -25.60
N ALA A 191 8.18 -3.03 -25.48
CA ALA A 191 9.55 -2.58 -25.11
C ALA A 191 10.07 -1.46 -26.02
N ALA A 192 9.74 -1.51 -27.31
CA ALA A 192 10.32 -0.59 -28.29
C ALA A 192 9.90 0.85 -27.96
N GLY A 193 8.74 1.01 -27.33
CA GLY A 193 8.24 2.32 -27.01
C GLY A 193 8.53 2.81 -25.59
N CYS A 194 9.31 2.05 -24.82
CA CYS A 194 9.69 2.49 -23.46
C CYS A 194 11.16 2.26 -23.14
N GLY A 195 12.01 2.39 -24.17
CA GLY A 195 13.45 2.31 -23.97
C GLY A 195 14.02 3.14 -22.80
N PRO A 196 13.68 4.44 -22.71
CA PRO A 196 14.24 5.24 -21.63
C PRO A 196 13.84 4.76 -20.22
N GLU A 197 12.60 4.31 -20.09
CA GLU A 197 12.11 3.74 -18.81
C GLU A 197 12.82 2.41 -18.46
N ILE A 198 12.94 1.54 -19.45
CA ILE A 198 13.64 0.27 -19.28
C ILE A 198 15.08 0.55 -18.85
N GLU A 199 15.75 1.49 -19.53
CA GLU A 199 17.14 1.83 -19.19
C GLU A 199 17.30 2.32 -17.75
N PHE A 200 16.34 3.11 -17.29
CA PHE A 200 16.36 3.57 -15.89
C PHE A 200 16.43 2.38 -14.93
N TYR A 201 15.54 1.40 -15.10
CA TYR A 201 15.49 0.26 -14.15
C TYR A 201 16.70 -0.66 -14.27
N LEU A 202 17.18 -0.82 -15.51
CA LEU A 202 18.45 -1.54 -15.74
C LEU A 202 19.63 -0.88 -15.04
N SER A 203 19.75 0.44 -15.18
CA SER A 203 20.96 1.11 -14.72
C SER A 203 21.01 1.29 -13.20
N HIS A 204 19.84 1.19 -12.56
CA HIS A 204 19.72 1.27 -11.12
C HIS A 204 19.80 -0.05 -10.39
N ALA A 205 20.14 -1.13 -11.12
CA ALA A 205 20.14 -2.50 -10.56
C ALA A 205 21.05 -2.70 -9.34
N ASP A 206 22.10 -1.89 -9.25
CA ASP A 206 23.03 -1.95 -8.13
C ASP A 206 22.42 -1.46 -6.82
N GLN A 207 21.26 -0.80 -6.90
CA GLN A 207 20.65 -0.19 -5.71
C GLN A 207 19.57 -1.02 -5.05
N TYR A 208 19.16 -2.13 -5.67
CA TYR A 208 17.97 -2.87 -5.20
C TYR A 208 18.15 -3.75 -3.97
N ALA A 209 19.38 -4.13 -3.68
CA ALA A 209 19.62 -5.16 -2.68
C ALA A 209 19.78 -4.68 -1.24
N VAL A 210 19.89 -3.38 -1.02
CA VAL A 210 20.39 -2.87 0.26
C VAL A 210 19.57 -3.33 1.46
N VAL A 211 18.25 -3.29 1.36
CA VAL A 211 17.42 -3.67 2.52
C VAL A 211 17.39 -5.20 2.69
N MET A 212 17.15 -5.94 1.60
CA MET A 212 17.20 -7.42 1.66
C MET A 212 18.54 -7.96 2.22
N ASP A 213 19.66 -7.35 1.84
CA ASP A 213 20.97 -7.77 2.34
C ASP A 213 21.08 -7.57 3.85
N GLY A 214 20.52 -6.47 4.35
CA GLY A 214 20.60 -6.11 5.77
C GLY A 214 19.67 -6.96 6.61
N LEU A 215 18.51 -7.28 6.05
CA LEU A 215 17.61 -8.25 6.65
C LEU A 215 18.31 -9.62 6.78
N ARG A 216 18.97 -10.04 5.71
CA ARG A 216 19.62 -11.37 5.69
C ARG A 216 20.82 -11.45 6.63
N ASP A 217 21.56 -10.37 6.80
CA ASP A 217 22.74 -10.40 7.66
C ASP A 217 22.45 -9.96 9.10
N GLY A 218 21.19 -9.62 9.37
CA GLY A 218 20.75 -9.28 10.73
C GLY A 218 21.00 -7.84 11.13
N SER A 219 21.56 -7.02 10.25
CA SER A 219 21.83 -5.63 10.57
C SER A 219 20.60 -4.74 10.48
N ILE A 220 19.53 -5.25 9.86
CA ILE A 220 18.24 -4.56 9.83
C ILE A 220 17.23 -5.52 10.44
N PRO A 221 16.53 -5.09 11.51
CA PRO A 221 15.65 -6.03 12.20
C PRO A 221 14.49 -6.49 11.30
N LEU A 222 14.15 -7.77 11.37
CA LEU A 222 12.93 -8.27 10.74
C LEU A 222 11.75 -7.91 11.66
N ARG A 223 10.77 -7.20 11.13
CA ARG A 223 9.61 -6.76 11.92
C ARG A 223 8.33 -7.12 11.19
N VAL A 224 7.21 -7.19 11.90
CA VAL A 224 5.95 -7.31 11.16
C VAL A 224 5.57 -5.90 10.64
N THR A 225 5.20 -5.80 9.36
CA THR A 225 4.99 -4.49 8.75
C THR A 225 3.69 -4.54 7.93
N HIS A 226 3.20 -3.38 7.54
CA HIS A 226 1.93 -3.23 6.83
C HIS A 226 2.08 -3.50 5.34
N ASN A 227 3.14 -2.92 4.78
CA ASN A 227 3.61 -3.23 3.40
C ASN A 227 2.87 -2.56 2.25
N ASP A 228 1.85 -1.75 2.57
CA ASP A 228 1.15 -0.96 1.52
C ASP A 228 0.65 0.30 2.15
N THR A 229 1.60 1.15 2.56
CA THR A 229 1.30 2.31 3.39
C THR A 229 0.98 3.58 2.62
N LYS A 230 0.38 3.45 1.45
CA LYS A 230 -0.07 4.62 0.73
C LYS A 230 -1.12 5.39 1.53
N LEU A 231 -1.11 6.71 1.33
CA LEU A 231 -1.98 7.63 2.05
C LEU A 231 -3.45 7.20 2.09
N ASN A 232 -3.95 6.70 0.97
CA ASN A 232 -5.38 6.39 0.89
C ASN A 232 -5.75 5.12 1.67
N ASN A 233 -4.79 4.53 2.36
CA ASN A 233 -5.09 3.42 3.26
C ASN A 233 -5.25 3.83 4.71
N ILE A 234 -5.24 5.15 4.99
CA ILE A 234 -5.60 5.68 6.32
C ILE A 234 -6.85 6.51 6.13
N LEU A 235 -7.87 6.25 6.93
CA LEU A 235 -9.03 7.12 6.99
C LEU A 235 -8.85 8.16 8.09
N MET A 236 -9.07 9.44 7.75
CA MET A 236 -8.99 10.52 8.73
C MET A 236 -10.40 10.90 9.13
N ASP A 237 -10.56 11.32 10.38
CA ASP A 237 -11.90 11.78 10.80
C ASP A 237 -12.31 13.03 10.01
N ALA A 238 -13.54 13.03 9.50
CA ALA A 238 -14.05 14.15 8.68
C ALA A 238 -14.12 15.51 9.37
N THR A 239 -14.16 15.53 10.70
CA THR A 239 -14.20 16.79 11.45
C THR A 239 -12.81 17.15 12.01
N THR A 240 -12.20 16.23 12.75
CA THR A 240 -10.96 16.56 13.45
C THR A 240 -9.71 16.34 12.59
N GLY A 241 -9.83 15.51 11.55
CA GLY A 241 -8.64 15.12 10.75
C GLY A 241 -7.72 14.11 11.44
N LYS A 242 -8.09 13.67 12.66
CA LYS A 242 -7.29 12.66 13.36
C LYS A 242 -7.45 11.31 12.66
N ALA A 243 -6.37 10.56 12.54
CA ALA A 243 -6.46 9.17 12.02
C ALA A 243 -7.54 8.36 12.72
N ARG A 244 -8.40 7.70 11.95
CA ARG A 244 -9.46 6.84 12.49
C ARG A 244 -9.11 5.35 12.41
N ALA A 245 -8.72 4.89 11.21
CA ALA A 245 -8.46 3.48 11.01
C ALA A 245 -7.61 3.26 9.78
N ILE A 246 -6.81 2.22 9.84
CA ILE A 246 -6.05 1.75 8.66
C ILE A 246 -6.89 0.68 7.95
N ILE A 247 -7.03 0.72 6.61
CA ILE A 247 -8.11 -0.06 5.87
C ILE A 247 -7.77 -1.07 4.74
N ASP A 248 -6.53 -1.51 4.74
CA ASP A 248 -6.04 -2.51 3.78
C ASP A 248 -5.15 -3.32 4.71
N LEU A 249 -5.55 -4.54 5.00
CA LEU A 249 -4.76 -5.33 5.93
C LEU A 249 -4.22 -6.55 5.21
N ASP A 250 -4.23 -6.51 3.88
CA ASP A 250 -3.97 -7.71 3.07
C ASP A 250 -2.50 -8.14 3.00
N THR A 251 -1.59 -7.20 3.26
CA THR A 251 -0.15 -7.50 3.17
C THR A 251 0.59 -7.33 4.50
N ILE A 252 -0.15 -7.43 5.60
CA ILE A 252 0.50 -7.46 6.91
C ILE A 252 1.32 -8.77 7.09
N MET A 253 2.64 -8.64 7.25
CA MET A 253 3.53 -9.80 7.24
C MET A 253 4.96 -9.32 7.52
N PRO A 254 5.89 -10.25 7.78
CA PRO A 254 7.24 -9.80 8.17
C PRO A 254 7.91 -8.97 7.06
N GLY A 255 8.69 -7.97 7.46
CA GLY A 255 9.46 -7.16 6.51
C GLY A 255 10.34 -6.27 7.33
N SER A 256 10.68 -5.11 6.75
CA SER A 256 11.43 -4.07 7.43
C SER A 256 10.52 -2.86 7.56
N MET A 257 10.66 -2.13 8.68
CA MET A 257 10.03 -0.78 8.86
C MET A 257 10.31 0.12 7.65
N LEU A 258 11.46 -0.09 7.01
CA LEU A 258 11.84 0.71 5.85
C LEU A 258 10.87 0.58 4.68
N PHE A 259 10.22 -0.58 4.56
CA PHE A 259 9.21 -0.79 3.51
C PHE A 259 8.02 0.12 3.75
N ASP A 260 7.60 0.22 5.02
CA ASP A 260 6.46 1.05 5.37
C ASP A 260 6.77 2.54 5.25
N PHE A 261 7.94 2.97 5.73
CA PHE A 261 8.33 4.37 5.59
C PHE A 261 8.52 4.72 4.10
N GLY A 262 9.33 3.93 3.41
CA GLY A 262 9.69 4.26 2.01
C GLY A 262 8.47 4.34 1.11
N ASP A 263 7.55 3.41 1.30
CA ASP A 263 6.35 3.32 0.45
C ASP A 263 5.41 4.49 0.74
N SER A 264 5.34 4.94 2.02
CA SER A 264 4.57 6.15 2.35
C SER A 264 5.14 7.40 1.63
N ILE A 265 6.46 7.51 1.65
CA ILE A 265 7.14 8.63 0.98
C ILE A 265 6.90 8.55 -0.55
N ARG A 266 6.99 7.35 -1.11
CA ARG A 266 6.79 7.16 -2.58
C ARG A 266 5.45 7.78 -3.02
N PHE A 267 4.39 7.46 -2.29
CA PHE A 267 3.06 7.84 -2.73
C PHE A 267 2.72 9.27 -2.29
N GLY A 268 3.14 9.63 -1.07
CA GLY A 268 2.65 10.84 -0.45
C GLY A 268 3.58 12.04 -0.44
N ALA A 269 4.88 11.85 -0.68
CA ALA A 269 5.77 13.02 -0.77
C ALA A 269 5.79 13.53 -2.22
N SER A 270 5.03 12.89 -3.08
CA SER A 270 4.83 13.40 -4.44
C SER A 270 3.84 14.55 -4.47
N THR A 271 4.13 15.54 -5.32
CA THR A 271 3.21 16.64 -5.59
C THR A 271 2.11 16.27 -6.58
N ALA A 272 2.13 15.03 -7.07
CA ALA A 272 1.16 14.59 -8.09
C ALA A 272 0.60 13.20 -7.83
N LEU A 273 -0.52 12.91 -8.49
CA LEU A 273 -1.07 11.56 -8.51
C LEU A 273 -0.08 10.57 -9.08
N GLU A 274 -0.21 9.34 -8.63
CA GLU A 274 0.60 8.21 -9.07
C GLU A 274 0.50 7.99 -10.57
N ASP A 275 -0.68 8.27 -11.14
CA ASP A 275 -0.86 8.18 -12.59
C ASP A 275 -1.02 9.55 -13.32
N GLU A 276 -0.40 10.59 -12.75
CA GLU A 276 -0.39 11.92 -13.37
C GLU A 276 0.26 11.87 -14.75
N ARG A 277 -0.52 12.23 -15.77
CA ARG A 277 -0.04 12.21 -17.15
C ARG A 277 0.89 13.39 -17.48
N ASP A 278 0.74 14.50 -16.78
CA ASP A 278 1.63 15.63 -16.99
C ASP A 278 2.82 15.61 -16.02
N LEU A 279 3.99 15.16 -16.48
CA LEU A 279 5.17 14.97 -15.58
C LEU A 279 5.70 16.27 -15.01
N ASP A 280 5.39 17.38 -15.66
CA ASP A 280 5.74 18.68 -15.11
C ASP A 280 4.97 19.00 -13.82
N LYS A 281 3.95 18.20 -13.49
CA LYS A 281 3.27 18.35 -12.19
C LYS A 281 3.92 17.53 -11.06
N VAL A 282 4.83 16.62 -11.46
CA VAL A 282 5.34 15.56 -10.57
C VAL A 282 6.68 16.03 -10.00
N HIS A 283 6.75 16.15 -8.68
CA HIS A 283 7.95 16.53 -7.95
C HIS A 283 7.99 15.83 -6.62
N PHE A 284 9.21 15.62 -6.13
CA PHE A 284 9.43 15.15 -4.78
C PHE A 284 9.50 16.38 -3.86
N SER A 285 8.63 16.44 -2.85
CA SER A 285 8.60 17.58 -1.95
C SER A 285 9.35 17.24 -0.64
N THR A 286 10.41 17.97 -0.32
CA THR A 286 11.08 17.75 0.95
C THR A 286 10.24 18.29 2.10
N GLU A 287 9.39 19.29 1.86
CA GLU A 287 8.45 19.72 2.91
C GLU A 287 7.53 18.57 3.34
N LEU A 288 6.95 17.86 2.36
CA LEU A 288 6.08 16.71 2.67
C LEU A 288 6.92 15.60 3.30
N PHE A 289 8.12 15.37 2.77
CA PHE A 289 9.00 14.35 3.36
C PHE A 289 9.21 14.65 4.85
N ARG A 290 9.49 15.90 5.17
CA ARG A 290 9.73 16.31 6.56
C ARG A 290 8.48 16.09 7.41
N ALA A 291 7.32 16.48 6.88
CA ALA A 291 6.07 16.39 7.64
C ALA A 291 5.80 14.92 8.04
N TYR A 292 5.94 14.01 7.07
CA TYR A 292 5.72 12.59 7.35
C TYR A 292 6.74 12.05 8.35
N THR A 293 8.00 12.40 8.14
CA THR A 293 9.10 11.97 9.01
C THR A 293 8.85 12.42 10.46
N GLU A 294 8.46 13.68 10.64
CA GLU A 294 8.10 14.17 11.97
C GLU A 294 7.03 13.32 12.63
N GLY A 295 5.96 13.03 11.90
CA GLY A 295 4.89 12.21 12.48
C GLY A 295 5.32 10.77 12.78
N PHE A 296 6.02 10.15 11.83
CA PHE A 296 6.42 8.72 11.92
C PHE A 296 7.50 8.49 13.00
N VAL A 297 8.60 9.23 12.89
CA VAL A 297 9.70 9.10 13.88
C VAL A 297 9.26 9.53 15.27
N GLY A 298 8.34 10.48 15.34
CA GLY A 298 7.71 10.88 16.61
C GLY A 298 7.11 9.73 17.39
N GLU A 299 6.60 8.70 16.69
CA GLU A 299 6.01 7.53 17.36
C GLU A 299 7.04 6.42 17.70
N LEU A 300 8.21 6.50 17.06
CA LEU A 300 9.14 5.36 17.01
C LEU A 300 10.56 5.71 17.46
N ARG A 301 10.76 6.95 17.91
CA ARG A 301 12.12 7.51 18.09
C ARG A 301 13.05 6.63 18.95
N ASP A 302 12.54 6.09 20.05
CA ASP A 302 13.39 5.26 20.94
C ASP A 302 13.53 3.81 20.50
N SER A 303 12.85 3.45 19.42
CA SER A 303 12.86 2.10 18.93
C SER A 303 13.66 1.95 17.63
N ILE A 304 13.70 3.00 16.82
CA ILE A 304 14.38 2.93 15.52
C ILE A 304 15.88 2.72 15.74
N THR A 305 16.45 1.72 15.07
CA THR A 305 17.89 1.42 15.19
C THR A 305 18.74 2.44 14.40
N ALA A 306 20.03 2.54 14.72
CA ALA A 306 20.89 3.44 14.00
C ALA A 306 20.88 3.14 12.47
N ARG A 307 20.90 1.86 12.11
CA ARG A 307 20.99 1.46 10.69
C ARG A 307 19.64 1.77 9.99
N GLU A 308 18.52 1.54 10.69
CA GLU A 308 17.20 1.95 10.13
C GLU A 308 17.16 3.45 9.89
N ALA A 309 17.58 4.26 10.87
CA ALA A 309 17.56 5.71 10.69
C ALA A 309 18.41 6.15 9.50
N GLU A 310 19.58 5.53 9.37
CA GLU A 310 20.51 5.85 8.29
C GLU A 310 19.82 5.63 6.92
N LEU A 311 18.98 4.60 6.83
CA LEU A 311 18.37 4.25 5.53
C LEU A 311 17.01 4.90 5.25
N LEU A 312 16.50 5.70 6.17
CA LEU A 312 15.18 6.31 5.95
C LEU A 312 15.10 7.09 4.62
N PRO A 313 16.08 7.97 4.32
CA PRO A 313 15.97 8.69 3.04
C PRO A 313 15.99 7.74 1.84
N PHE A 314 16.92 6.78 1.83
CA PHE A 314 17.02 5.88 0.68
C PHE A 314 15.86 4.91 0.55
N SER A 315 15.17 4.60 1.65
CA SER A 315 14.00 3.72 1.54
C SER A 315 12.96 4.34 0.61
N GLY A 316 12.89 5.66 0.57
CA GLY A 316 12.05 6.38 -0.40
C GLY A 316 12.42 6.04 -1.85
N ASN A 317 13.70 6.19 -2.19
CA ASN A 317 14.18 5.83 -3.53
C ASN A 317 13.85 4.35 -3.84
N LEU A 318 14.14 3.47 -2.86
CA LEU A 318 14.02 2.01 -3.10
C LEU A 318 12.59 1.58 -3.40
N LEU A 319 11.64 2.01 -2.56
CA LEU A 319 10.27 1.57 -2.75
C LEU A 319 9.64 2.21 -3.97
N THR A 320 10.09 3.41 -4.31
CA THR A 320 9.61 4.11 -5.52
C THR A 320 10.13 3.38 -6.76
N MET A 321 11.40 3.01 -6.74
CA MET A 321 11.95 2.23 -7.85
C MET A 321 11.27 0.86 -7.97
N GLU A 322 11.01 0.21 -6.84
CA GLU A 322 10.38 -1.10 -6.88
C GLU A 322 8.97 -0.99 -7.50
N CYS A 323 8.21 0.02 -7.07
CA CYS A 323 6.83 0.11 -7.55
C CYS A 323 6.83 0.51 -9.04
N GLY A 324 7.70 1.45 -9.41
CA GLY A 324 7.83 1.83 -10.79
C GLY A 324 8.21 0.68 -11.71
N MET A 325 9.14 -0.14 -11.24
CA MET A 325 9.60 -1.33 -11.96
C MET A 325 8.41 -2.29 -12.14
N ARG A 326 7.64 -2.47 -11.05
CA ARG A 326 6.44 -3.30 -11.16
C ARG A 326 5.44 -2.76 -12.16
N PHE A 327 5.24 -1.43 -12.19
CA PHE A 327 4.30 -0.84 -13.15
C PHE A 327 4.81 -1.10 -14.57
N LEU A 328 6.11 -0.94 -14.78
CA LEU A 328 6.65 -1.12 -16.12
C LEU A 328 6.63 -2.58 -16.57
N ALA A 329 6.96 -3.50 -15.66
CA ALA A 329 6.82 -4.93 -15.94
C ALA A 329 5.38 -5.25 -16.35
N ASP A 330 4.41 -4.71 -15.60
CA ASP A 330 3.02 -5.01 -15.92
C ASP A 330 2.66 -4.46 -17.29
N TYR A 331 3.12 -3.25 -17.59
CA TYR A 331 2.91 -2.68 -18.92
C TYR A 331 3.44 -3.64 -20.00
N LEU A 332 4.67 -4.10 -19.80
CA LEU A 332 5.30 -5.01 -20.75
C LEU A 332 4.59 -6.37 -20.86
N GLU A 333 3.89 -6.77 -19.80
CA GLU A 333 3.16 -8.04 -19.78
C GLU A 333 1.69 -7.91 -20.18
N GLY A 334 1.26 -6.72 -20.60
CA GLY A 334 -0.15 -6.54 -20.99
C GLY A 334 -1.10 -6.32 -19.83
N ASP A 335 -0.58 -5.79 -18.73
CA ASP A 335 -1.43 -5.27 -17.64
C ASP A 335 -2.23 -6.35 -16.92
N VAL A 336 -1.55 -7.44 -16.60
CA VAL A 336 -2.18 -8.56 -15.94
C VAL A 336 -2.33 -8.37 -14.40
N TYR A 337 -1.55 -7.44 -13.83
CA TYR A 337 -1.53 -7.32 -12.35
C TYR A 337 -2.38 -6.18 -11.83
N PHE A 338 -2.10 -4.96 -12.29
CA PHE A 338 -2.79 -3.77 -11.83
C PHE A 338 -3.96 -3.49 -12.75
N ALA A 339 -5.10 -3.12 -12.16
CA ALA A 339 -6.20 -2.55 -12.95
C ALA A 339 -5.70 -1.31 -13.75
N THR A 340 -6.22 -1.14 -14.97
CA THR A 340 -5.90 0.00 -15.82
C THR A 340 -7.14 0.50 -16.55
N LYS A 341 -7.11 1.76 -16.94
CA LYS A 341 -8.25 2.37 -17.62
C LYS A 341 -7.96 2.60 -19.09
N TYR A 342 -6.70 2.48 -19.49
CA TYR A 342 -6.29 2.74 -20.87
C TYR A 342 -4.96 2.06 -21.18
N PRO A 343 -4.63 1.88 -22.49
CA PRO A 343 -3.49 1.01 -22.81
C PRO A 343 -2.15 1.36 -22.16
N GLU A 344 -1.80 2.65 -22.08
CA GLU A 344 -0.50 3.04 -21.53
C GLU A 344 -0.54 3.41 -20.06
N HIS A 345 -1.63 3.09 -19.38
CA HIS A 345 -1.81 3.51 -17.97
C HIS A 345 -0.62 3.14 -17.12
N ASN A 346 -0.12 1.91 -17.25
CA ASN A 346 1.00 1.47 -16.40
C ASN A 346 2.33 2.12 -16.76
N LEU A 347 2.48 2.50 -18.03
CA LEU A 347 3.67 3.21 -18.47
C LEU A 347 3.64 4.60 -17.83
N VAL A 348 2.46 5.22 -17.85
CA VAL A 348 2.28 6.55 -17.25
C VAL A 348 2.60 6.50 -15.74
N ARG A 349 2.07 5.47 -15.07
CA ARG A 349 2.41 5.27 -13.66
C ARG A 349 3.92 5.09 -13.44
N SER A 350 4.55 4.27 -14.26
CA SER A 350 5.99 4.03 -14.09
C SER A 350 6.80 5.30 -14.24
N ARG A 351 6.39 6.15 -15.17
CA ARG A 351 7.05 7.45 -15.40
C ARG A 351 7.02 8.39 -14.23
N THR A 352 5.90 8.44 -13.50
CA THR A 352 5.90 9.33 -12.33
C THR A 352 6.92 8.84 -11.29
N GLN A 353 7.02 7.52 -11.12
CA GLN A 353 7.92 6.95 -10.11
C GLN A 353 9.35 7.26 -10.49
N ILE A 354 9.66 7.17 -11.78
CA ILE A 354 11.01 7.53 -12.27
C ILE A 354 11.37 9.01 -11.94
N LYS A 355 10.45 9.92 -12.23
CA LYS A 355 10.69 11.35 -12.03
C LYS A 355 10.93 11.62 -10.55
N LEU A 356 10.12 10.97 -9.70
CA LEU A 356 10.30 11.11 -8.26
C LEU A 356 11.67 10.65 -7.78
N VAL A 357 12.10 9.48 -8.23
CA VAL A 357 13.43 8.96 -7.83
C VAL A 357 14.55 9.92 -8.21
N ARG A 358 14.47 10.43 -9.44
CA ARG A 358 15.45 11.38 -9.94
C ARG A 358 15.53 12.61 -9.04
N GLU A 359 14.36 13.12 -8.62
CA GLU A 359 14.33 14.25 -7.66
C GLU A 359 14.84 13.85 -6.27
N MET A 360 14.48 12.65 -5.79
CA MET A 360 15.01 12.17 -4.50
C MET A 360 16.55 12.09 -4.51
N GLU A 361 17.11 11.69 -5.65
CA GLU A 361 18.57 11.65 -5.80
C GLU A 361 19.18 13.03 -5.63
N GLN A 362 18.56 14.02 -6.25
CA GLN A 362 19.05 15.39 -6.17
C GLN A 362 18.88 15.99 -4.77
N ARG A 363 17.96 15.47 -3.96
CA ARG A 363 17.69 16.03 -2.62
C ARG A 363 18.23 15.14 -1.48
N ALA A 364 19.15 14.24 -1.81
CA ALA A 364 19.64 13.25 -0.83
C ALA A 364 20.29 13.87 0.40
N ASP A 365 21.10 14.91 0.23
CA ASP A 365 21.71 15.60 1.38
C ASP A 365 20.63 16.25 2.25
N GLU A 366 19.64 16.86 1.59
CA GLU A 366 18.58 17.54 2.33
C GLU A 366 17.73 16.56 3.12
N THR A 367 17.35 15.43 2.51
CA THR A 367 16.54 14.42 3.23
C THR A 367 17.33 13.77 4.40
N ARG A 368 18.62 13.52 4.17
CA ARG A 368 19.52 13.11 5.29
C ARG A 368 19.49 14.10 6.45
N ALA A 369 19.62 15.39 6.14
CA ALA A 369 19.61 16.46 7.15
C ALA A 369 18.27 16.55 7.87
N ILE A 370 17.16 16.41 7.13
CA ILE A 370 15.81 16.34 7.72
C ILE A 370 15.68 15.22 8.75
N VAL A 371 16.09 14.00 8.39
CA VAL A 371 16.04 12.87 9.31
C VAL A 371 16.92 13.12 10.55
N ALA A 372 18.13 13.65 10.33
CA ALA A 372 19.02 13.97 11.46
C ALA A 372 18.34 14.95 12.43
N ASP A 373 17.73 15.99 11.88
CA ASP A 373 17.06 17.03 12.68
C ASP A 373 15.86 16.47 13.45
N VAL A 374 15.05 15.64 12.79
CA VAL A 374 13.92 14.99 13.47
C VAL A 374 14.38 14.03 14.57
N MET A 375 15.45 13.28 14.28
CA MET A 375 16.02 12.39 15.28
C MET A 375 16.55 13.20 16.48
N GLU A 376 17.17 14.34 16.20
CA GLU A 376 17.69 15.22 17.26
C GLU A 376 16.57 15.89 18.05
N THR A 377 15.61 16.49 17.34
CA THR A 377 14.43 17.15 17.92
C THR A 377 13.57 16.22 18.78
N THR A 378 13.17 15.07 18.22
CA THR A 378 12.43 14.05 18.96
C THR A 378 13.41 13.30 19.87
C1 NDG B . -1.34 -1.85 -4.81
C2 NDG B . -0.21 -2.81 -4.43
C3 NDG B . 0.97 -2.07 -3.77
C4 NDG B . 1.47 -0.96 -4.70
C5 NDG B . 0.29 -0.05 -5.07
C6 NDG B . 0.69 1.04 -6.06
C7 NDG B . -0.48 -5.20 -3.95
C8 NDG B . -1.14 -6.24 -3.06
O5 NDG B . -0.81 -0.80 -5.62
O3 NDG B . 2.04 -3.00 -3.56
O4 NDG B . 2.46 -0.16 -4.02
O6 NDG B . -0.40 1.99 -6.07
O7 NDG B . 0.26 -5.52 -4.89
N2 NDG B . -0.75 -3.93 -3.64
O1 NDG B . -1.97 -1.30 -3.63
S SO4 C . -7.08 -2.64 -3.32
O1 SO4 C . -5.66 -2.16 -3.21
O2 SO4 C . -8.03 -1.65 -2.75
O3 SO4 C . -7.40 -2.78 -4.74
O4 SO4 C . -7.21 -3.95 -2.62
S SO4 D . 10.46 21.40 -1.40
O1 SO4 D . 11.46 22.49 -1.27
O2 SO4 D . 9.40 21.93 -2.29
O3 SO4 D . 11.13 20.21 -1.98
O4 SO4 D . 9.83 21.07 -0.11
S SO4 E . 21.27 0.33 17.54
O1 SO4 E . 22.27 0.64 18.60
O2 SO4 E . 20.75 1.59 17.01
O3 SO4 E . 21.89 -0.46 16.44
O4 SO4 E . 20.15 -0.44 18.17
S SO4 F . 18.89 7.43 -15.46
O1 SO4 F . 19.59 8.73 -15.35
O2 SO4 F . 17.46 7.66 -15.18
O3 SO4 F . 19.01 6.83 -16.82
O4 SO4 F . 19.49 6.50 -14.49
S SO4 G . -9.67 -13.50 -9.66
O1 SO4 G . -8.99 -12.19 -9.73
O2 SO4 G . -10.80 -13.59 -10.62
O3 SO4 G . -8.71 -14.59 -10.00
O4 SO4 G . -10.19 -13.63 -8.28
#